data_7D7S
#
_entry.id   7D7S
#
_cell.length_a   122.110
_cell.length_b   122.110
_cell.length_c   145.890
_cell.angle_alpha   90.00
_cell.angle_beta   90.00
_cell.angle_gamma   120.00
#
_symmetry.space_group_name_H-M   'P 64 2 2'
#
loop_
_entity.id
_entity.type
_entity.pdbx_description
1 polymer 'Protein Nef'
2 polymer 'Tyrosine-protein kinase Fyn'
#
loop_
_entity_poly.entity_id
_entity_poly.type
_entity_poly.pdbx_seq_one_letter_code
_entity_poly.pdbx_strand_id
1 'polypeptide(L)'
;MGGKWSKRSMGGWSAIRERMRRAEPRAEPAADGVGAVSRDLEKHGAITSSNTAATNADCAWLEAQEEEEVGFPVRPQVPL
RPMTYKAALDISHFLKEKGGLEGLIWSQRRQEILDLWIYHTQGYFPDWQNYTPGPGIRYPLTFGWCFKLVPVEPEKVEEA
NEGENNSLLHPMSLHGMEDAEKEVLVWRFDSKLAFHHMARELHPEYYKDSKLAAALEHHHHHH
;
A,B
2 'polypeptide(L)' MTGVTLFVALYDYEAITEDDLSFHKGEKFQILNSSEGDWWEARSLTTGETGYIPSNYVAPVDSILEHHHHHH C,D
#
# COMPACT_ATOMS: atom_id res chain seq x y z
N VAL A 74 -13.65 29.42 -15.78
CA VAL A 74 -12.90 28.14 -15.69
C VAL A 74 -11.41 28.41 -15.53
N ARG A 75 -10.75 27.59 -14.71
CA ARG A 75 -9.30 27.67 -14.53
C ARG A 75 -8.62 26.93 -15.68
N PRO A 76 -7.46 27.43 -16.16
CA PRO A 76 -6.83 26.90 -17.38
C PRO A 76 -5.96 25.68 -17.13
N GLN A 77 -5.67 24.93 -18.20
CA GLN A 77 -4.76 23.79 -18.22
C GLN A 77 -3.50 23.97 -17.38
N VAL A 78 -3.08 22.92 -16.67
CA VAL A 78 -1.85 22.89 -15.88
C VAL A 78 -0.74 22.21 -16.68
N PRO A 79 0.55 22.43 -16.34
CA PRO A 79 1.65 21.86 -17.12
C PRO A 79 1.69 20.34 -17.06
N LEU A 80 2.26 19.74 -18.10
CA LEU A 80 2.38 18.30 -18.19
C LEU A 80 3.47 17.80 -17.27
N ARG A 81 3.26 16.61 -16.72
CA ARG A 81 4.24 15.94 -15.87
C ARG A 81 4.08 14.43 -16.01
N PRO A 82 5.18 13.67 -15.98
CA PRO A 82 5.11 12.22 -16.13
C PRO A 82 4.56 11.54 -14.92
N MET A 83 3.78 10.49 -15.13
CA MET A 83 3.21 9.70 -14.05
C MET A 83 4.33 9.04 -13.27
N THR A 84 4.04 8.73 -12.01
CA THR A 84 4.96 8.07 -11.09
C THR A 84 4.13 7.11 -10.27
N TYR A 85 4.79 6.11 -9.67
CA TYR A 85 4.10 5.13 -8.83
C TYR A 85 3.33 5.87 -7.77
N LYS A 86 4.04 6.75 -7.06
CA LYS A 86 3.49 7.53 -5.98
C LYS A 86 2.22 8.23 -6.44
N ALA A 87 2.33 9.08 -7.46
CA ALA A 87 1.17 9.82 -7.97
C ALA A 87 -0.02 8.88 -8.25
N ALA A 88 0.26 7.79 -8.98
CA ALA A 88 -0.73 6.77 -9.29
C ALA A 88 -1.43 6.31 -8.02
N LEU A 89 -0.64 6.02 -6.98
CA LEU A 89 -1.14 5.52 -5.72
C LEU A 89 -1.96 6.58 -5.01
N ASP A 90 -1.39 7.78 -4.89
CA ASP A 90 -2.06 8.92 -4.31
C ASP A 90 -3.45 9.08 -4.91
N ILE A 91 -3.54 8.92 -6.23
CA ILE A 91 -4.81 9.12 -6.92
C ILE A 91 -5.76 7.95 -6.66
N SER A 92 -5.27 6.72 -6.82
CA SER A 92 -6.05 5.53 -6.50
C SER A 92 -6.81 5.79 -5.22
N HIS A 93 -6.06 6.15 -4.19
CA HIS A 93 -6.57 6.35 -2.84
C HIS A 93 -7.54 7.51 -2.76
N PHE A 94 -7.22 8.62 -3.44
CA PHE A 94 -8.13 9.75 -3.49
C PHE A 94 -9.49 9.36 -4.03
N LEU A 95 -9.49 8.59 -5.14
CA LEU A 95 -10.75 8.23 -5.80
C LEU A 95 -11.53 7.18 -5.02
N LYS A 96 -10.82 6.32 -4.27
CA LYS A 96 -11.47 5.40 -3.37
C LYS A 96 -12.13 6.17 -2.25
N GLU A 97 -11.38 7.14 -1.71
CA GLU A 97 -11.81 7.94 -0.56
C GLU A 97 -13.07 8.67 -0.93
N LYS A 98 -13.07 9.32 -2.09
CA LYS A 98 -14.25 9.99 -2.62
C LYS A 98 -15.39 9.00 -2.98
N GLY A 99 -15.06 7.70 -3.01
CA GLY A 99 -15.99 6.64 -3.37
C GLY A 99 -16.15 6.69 -4.88
N GLY A 100 -17.14 7.49 -5.32
CA GLY A 100 -17.38 7.82 -6.72
C GLY A 100 -17.17 6.71 -7.73
N LEU A 101 -15.89 6.48 -8.06
CA LEU A 101 -15.48 5.53 -9.09
C LEU A 101 -15.74 4.11 -8.68
N GLU A 102 -15.42 3.77 -7.42
CA GLU A 102 -15.58 2.41 -6.92
C GLU A 102 -17.00 1.94 -7.26
N GLY A 103 -17.09 0.77 -7.90
CA GLY A 103 -18.36 0.11 -8.17
C GLY A 103 -19.19 0.67 -9.32
N LEU A 104 -18.61 1.60 -10.08
CA LEU A 104 -19.26 2.20 -11.22
C LEU A 104 -18.96 1.35 -12.44
N ILE A 105 -19.95 1.19 -13.32
CA ILE A 105 -19.80 0.43 -14.56
C ILE A 105 -18.86 1.17 -15.51
N TRP A 106 -17.97 0.43 -16.18
CA TRP A 106 -17.00 0.98 -17.11
C TRP A 106 -17.69 1.47 -18.37
N SER A 107 -17.06 2.43 -19.06
CA SER A 107 -17.44 2.82 -20.41
C SER A 107 -16.36 3.71 -20.98
N GLN A 108 -15.98 3.50 -22.24
CA GLN A 108 -14.94 4.32 -22.88
C GLN A 108 -15.17 5.79 -22.58
N ARG A 109 -16.42 6.24 -22.76
CA ARG A 109 -16.82 7.64 -22.51
C ARG A 109 -16.57 8.09 -21.06
N ARG A 110 -16.92 7.22 -20.09
CA ARG A 110 -16.70 7.49 -18.69
C ARG A 110 -15.20 7.63 -18.42
N GLN A 111 -14.44 6.62 -18.82
CA GLN A 111 -12.99 6.61 -18.67
C GLN A 111 -12.34 7.85 -19.26
N GLU A 112 -12.83 8.29 -20.42
CA GLU A 112 -12.34 9.49 -21.08
C GLU A 112 -12.63 10.71 -20.22
N ILE A 113 -13.82 10.73 -19.61
CA ILE A 113 -14.20 11.78 -18.68
C ILE A 113 -13.18 11.89 -17.54
N LEU A 114 -12.84 10.74 -16.94
CA LEU A 114 -11.82 10.71 -15.89
C LEU A 114 -10.47 11.23 -16.40
N ASP A 115 -9.93 10.55 -17.42
CA ASP A 115 -8.63 10.87 -18.03
C ASP A 115 -8.46 12.36 -18.33
N LEU A 116 -9.56 12.99 -18.77
CA LEU A 116 -9.63 14.41 -19.05
C LEU A 116 -9.44 15.21 -17.78
N TRP A 117 -10.33 14.99 -16.81
CA TRP A 117 -10.29 15.72 -15.54
C TRP A 117 -8.89 15.70 -15.01
N ILE A 118 -8.30 14.50 -14.93
CA ILE A 118 -6.96 14.33 -14.41
C ILE A 118 -5.91 15.06 -15.24
N TYR A 119 -5.94 14.87 -16.56
CA TYR A 119 -4.98 15.53 -17.46
C TYR A 119 -5.03 17.04 -17.37
N HIS A 120 -6.24 17.61 -17.33
CA HIS A 120 -6.42 19.06 -17.29
C HIS A 120 -6.05 19.62 -15.91
N THR A 121 -6.64 19.05 -14.85
CA THR A 121 -6.52 19.50 -13.47
C THR A 121 -5.15 19.23 -12.87
N GLN A 122 -4.61 18.04 -13.13
CA GLN A 122 -3.37 17.58 -12.51
C GLN A 122 -2.18 17.33 -13.44
N GLY A 123 -2.38 17.54 -14.75
CA GLY A 123 -1.28 17.51 -15.72
C GLY A 123 -0.65 16.16 -16.08
N TYR A 124 -1.31 15.06 -15.70
CA TYR A 124 -0.81 13.71 -15.99
C TYR A 124 -1.41 13.22 -17.31
N PHE A 125 -0.53 12.91 -18.28
CA PHE A 125 -0.96 12.51 -19.63
C PHE A 125 -1.80 11.25 -19.52
N PRO A 126 -2.91 11.12 -20.29
CA PRO A 126 -3.86 10.03 -20.11
C PRO A 126 -3.54 8.69 -20.79
N ASP A 127 -2.25 8.32 -20.79
CA ASP A 127 -1.81 7.03 -21.31
C ASP A 127 -1.66 5.98 -20.22
N TRP A 128 -1.99 6.36 -18.98
CA TRP A 128 -1.60 5.59 -17.80
C TRP A 128 -2.69 4.64 -17.35
N GLN A 129 -3.94 5.11 -17.42
CA GLN A 129 -5.07 4.35 -16.92
C GLN A 129 -5.52 3.34 -18.01
N ASN A 130 -4.68 2.33 -18.23
CA ASN A 130 -4.95 1.22 -19.13
C ASN A 130 -4.94 -0.08 -18.36
N TYR A 131 -5.58 -1.10 -18.95
CA TYR A 131 -5.76 -2.39 -18.31
C TYR A 131 -5.48 -3.50 -19.33
N THR A 132 -5.19 -4.70 -18.82
CA THR A 132 -4.92 -5.87 -19.63
C THR A 132 -6.10 -6.22 -20.52
N PRO A 133 -5.89 -6.93 -21.64
CA PRO A 133 -6.97 -7.36 -22.52
C PRO A 133 -7.68 -8.63 -22.01
N GLY A 134 -8.40 -9.32 -22.91
CA GLY A 134 -8.88 -10.68 -22.71
C GLY A 134 -10.08 -10.80 -21.77
N PRO A 135 -11.05 -11.68 -22.08
CA PRO A 135 -12.09 -12.04 -21.11
C PRO A 135 -11.56 -12.24 -19.67
N GLY A 136 -12.40 -11.82 -18.71
CA GLY A 136 -12.12 -11.93 -17.29
C GLY A 136 -11.79 -10.57 -16.72
N ILE A 137 -11.17 -10.57 -15.54
CA ILE A 137 -10.83 -9.35 -14.82
C ILE A 137 -9.71 -8.67 -15.60
N ARG A 138 -9.79 -7.34 -15.72
CA ARG A 138 -8.77 -6.56 -16.41
C ARG A 138 -7.91 -5.86 -15.39
N TYR A 139 -6.60 -6.16 -15.39
CA TYR A 139 -5.68 -5.64 -14.39
C TYR A 139 -4.94 -4.42 -14.91
N PRO A 140 -4.62 -3.43 -14.04
CA PRO A 140 -4.06 -2.16 -14.48
C PRO A 140 -2.59 -2.26 -14.85
N LEU A 141 -2.20 -1.49 -15.87
CA LEU A 141 -0.88 -1.60 -16.47
C LEU A 141 0.12 -0.76 -15.74
N THR A 142 -0.31 0.42 -15.29
CA THR A 142 0.53 1.33 -14.56
C THR A 142 0.56 0.90 -13.09
N PHE A 143 1.75 0.57 -12.59
CA PHE A 143 1.92 0.10 -11.22
C PHE A 143 1.49 1.20 -10.25
N GLY A 144 0.58 0.86 -9.34
CA GLY A 144 0.14 1.80 -8.33
C GLY A 144 -1.15 2.52 -8.66
N TRP A 145 -1.66 2.29 -9.87
CA TRP A 145 -3.05 2.50 -10.16
C TRP A 145 -3.70 1.23 -9.62
N CYS A 146 -4.59 1.37 -8.63
CA CYS A 146 -5.05 0.24 -7.83
C CYS A 146 -6.50 -0.16 -8.08
N PHE A 147 -7.04 0.32 -9.21
CA PHE A 147 -8.35 -0.14 -9.67
C PHE A 147 -8.16 -1.15 -10.77
N LYS A 148 -8.90 -2.26 -10.68
CA LYS A 148 -9.07 -3.22 -11.74
C LYS A 148 -10.50 -3.11 -12.24
N LEU A 149 -10.78 -3.75 -13.37
CA LEU A 149 -12.12 -3.83 -13.93
C LEU A 149 -12.59 -5.26 -13.82
N VAL A 150 -13.74 -5.45 -13.15
CA VAL A 150 -14.29 -6.74 -12.78
C VAL A 150 -15.61 -7.00 -13.51
N PRO A 151 -15.74 -8.12 -14.28
CA PRO A 151 -17.04 -8.49 -14.86
C PRO A 151 -18.08 -8.67 -13.76
N VAL A 152 -19.37 -8.59 -14.15
CA VAL A 152 -20.45 -8.56 -13.16
C VAL A 152 -21.62 -9.45 -13.56
N GLU A 153 -22.08 -9.30 -14.81
CA GLU A 153 -23.15 -10.13 -15.39
C GLU A 153 -24.51 -9.95 -14.71
N GLU A 183 -18.88 -8.95 -23.06
CA GLU A 183 -18.29 -8.57 -21.78
C GLU A 183 -18.92 -7.28 -21.22
N VAL A 184 -18.75 -7.05 -19.91
CA VAL A 184 -19.43 -5.97 -19.18
C VAL A 184 -18.87 -5.79 -17.76
N LEU A 185 -18.14 -4.69 -17.56
CA LEU A 185 -17.19 -4.51 -16.45
C LEU A 185 -17.51 -3.35 -15.48
N VAL A 186 -17.13 -3.52 -14.20
CA VAL A 186 -17.24 -2.51 -13.15
C VAL A 186 -15.90 -2.26 -12.45
N TRP A 187 -15.57 -0.98 -12.26
CA TRP A 187 -14.42 -0.54 -11.49
C TRP A 187 -14.48 -1.18 -10.10
N ARG A 188 -13.32 -1.69 -9.67
CA ARG A 188 -13.19 -2.32 -8.36
C ARG A 188 -11.82 -1.98 -7.83
N PHE A 189 -11.76 -1.53 -6.57
CA PHE A 189 -10.50 -1.18 -5.93
C PHE A 189 -9.87 -2.43 -5.37
N ASP A 190 -8.54 -2.45 -5.32
CA ASP A 190 -7.80 -3.58 -4.79
C ASP A 190 -6.44 -3.12 -4.29
N SER A 191 -6.28 -3.04 -2.96
CA SER A 191 -5.06 -2.54 -2.34
C SER A 191 -3.88 -3.41 -2.69
N LYS A 192 -4.12 -4.72 -2.92
CA LYS A 192 -3.04 -5.66 -3.29
C LYS A 192 -2.30 -5.20 -4.54
N LEU A 193 -2.99 -4.44 -5.39
CA LEU A 193 -2.46 -4.01 -6.66
C LEU A 193 -1.42 -2.93 -6.51
N ALA A 194 -1.30 -2.37 -5.30
CA ALA A 194 -0.23 -1.45 -4.96
C ALA A 194 1.07 -2.17 -4.63
N PHE A 195 0.95 -3.47 -4.32
CA PHE A 195 2.07 -4.30 -3.95
C PHE A 195 2.41 -5.35 -5.00
N HIS A 196 1.46 -5.63 -5.88
CA HIS A 196 1.60 -6.65 -6.90
C HIS A 196 1.25 -6.06 -8.28
N HIS A 197 2.13 -6.32 -9.27
CA HIS A 197 1.93 -5.85 -10.63
C HIS A 197 1.35 -6.99 -11.47
N MET A 198 0.10 -7.35 -11.18
CA MET A 198 -0.59 -8.48 -11.80
C MET A 198 -0.54 -8.40 -13.30
N ALA A 199 -0.69 -7.18 -13.83
CA ALA A 199 -0.52 -6.89 -15.24
C ALA A 199 0.79 -7.50 -15.78
N ARG A 200 1.93 -7.19 -15.12
CA ARG A 200 3.23 -7.70 -15.55
C ARG A 200 3.40 -9.22 -15.36
N GLU A 201 2.75 -9.76 -14.33
CA GLU A 201 2.79 -11.18 -14.05
C GLU A 201 2.09 -11.98 -15.15
N LEU A 202 0.98 -11.43 -15.67
CA LEU A 202 0.14 -12.08 -16.68
C LEU A 202 0.57 -11.77 -18.11
N HIS A 203 0.97 -10.52 -18.37
CA HIS A 203 1.37 -10.06 -19.69
C HIS A 203 2.76 -9.40 -19.69
N PRO A 204 3.83 -10.10 -19.27
CA PRO A 204 5.17 -9.49 -19.20
C PRO A 204 5.72 -8.96 -20.53
N GLU A 205 5.08 -9.32 -21.66
CA GLU A 205 5.46 -8.83 -22.99
C GLU A 205 5.33 -7.30 -23.15
N TYR A 206 4.48 -6.68 -22.31
CA TYR A 206 4.37 -5.22 -22.26
C TYR A 206 5.56 -4.54 -21.57
N TYR A 207 6.43 -5.32 -20.91
CA TYR A 207 7.60 -4.82 -20.19
C TYR A 207 8.84 -5.67 -20.51
N VAL B 74 -0.74 -32.21 18.11
CA VAL B 74 -0.48 -30.74 18.08
C VAL B 74 0.97 -30.47 17.70
N ARG B 75 1.17 -29.41 16.90
CA ARG B 75 2.49 -28.98 16.48
C ARG B 75 3.14 -28.17 17.61
N PRO B 76 4.47 -28.25 17.79
CA PRO B 76 5.16 -27.55 18.87
C PRO B 76 5.49 -26.10 18.52
N GLN B 77 5.77 -25.28 19.54
CA GLN B 77 6.22 -23.88 19.40
C GLN B 77 7.33 -23.74 18.37
N VAL B 78 7.26 -22.67 17.57
CA VAL B 78 8.28 -22.34 16.56
C VAL B 78 9.25 -21.31 17.14
N PRO B 79 10.48 -21.20 16.59
CA PRO B 79 11.49 -20.30 17.16
C PRO B 79 11.09 -18.85 17.08
N LEU B 80 11.61 -18.04 18.01
CA LEU B 80 11.30 -16.63 18.08
C LEU B 80 12.07 -15.90 16.99
N ARG B 81 11.44 -14.87 16.42
CA ARG B 81 12.09 -14.03 15.41
C ARG B 81 11.50 -12.63 15.48
N PRO B 82 12.31 -11.57 15.26
CA PRO B 82 11.83 -10.20 15.34
C PRO B 82 10.95 -9.85 14.17
N MET B 83 9.92 -9.03 14.43
CA MET B 83 9.00 -8.56 13.42
C MET B 83 9.75 -7.74 12.40
N THR B 84 9.18 -7.71 11.18
CA THR B 84 9.74 -6.96 10.07
C THR B 84 8.57 -6.30 9.35
N TYR B 85 8.88 -5.21 8.64
CA TYR B 85 7.87 -4.50 7.88
C TYR B 85 7.14 -5.48 7.01
N LYS B 86 7.92 -6.24 6.22
CA LYS B 86 7.38 -7.19 5.27
C LYS B 86 6.42 -8.13 5.96
N ALA B 87 6.88 -8.86 6.98
CA ALA B 87 6.03 -9.79 7.74
C ALA B 87 4.72 -9.12 8.18
N ALA B 88 4.87 -7.96 8.81
CA ALA B 88 3.72 -7.17 9.25
C ALA B 88 2.73 -6.97 8.13
N LEU B 89 3.24 -6.60 6.96
CA LEU B 89 2.40 -6.33 5.79
C LEU B 89 1.75 -7.60 5.31
N ASP B 90 2.57 -8.64 5.10
CA ASP B 90 2.11 -9.95 4.68
C ASP B 90 0.95 -10.40 5.58
N ILE B 91 1.08 -10.17 6.89
CA ILE B 91 0.02 -10.57 7.82
C ILE B 91 -1.23 -9.69 7.70
N SER B 92 -1.04 -8.37 7.73
CA SER B 92 -2.12 -7.41 7.52
C SER B 92 -2.99 -7.95 6.39
N HIS B 93 -2.35 -8.21 5.26
CA HIS B 93 -3.03 -8.66 4.05
C HIS B 93 -3.66 -10.03 4.20
N PHE B 94 -2.99 -10.96 4.88
CA PHE B 94 -3.59 -12.25 5.15
C PHE B 94 -4.92 -12.11 5.89
N LEU B 95 -4.92 -11.27 6.92
CA LEU B 95 -6.11 -11.09 7.75
C LEU B 95 -7.22 -10.31 7.05
N LYS B 96 -6.84 -9.42 6.12
CA LYS B 96 -7.80 -8.76 5.27
C LYS B 96 -8.44 -9.78 4.34
N GLU B 97 -7.59 -10.64 3.76
CA GLU B 97 -7.97 -11.65 2.78
C GLU B 97 -8.95 -12.60 3.44
N LYS B 98 -8.60 -13.08 4.64
CA LYS B 98 -9.51 -13.92 5.42
C LYS B 98 -10.79 -13.16 5.88
N GLY B 99 -10.79 -11.83 5.73
CA GLY B 99 -11.86 -10.96 6.20
C GLY B 99 -11.76 -10.89 7.71
N GLY B 100 -12.45 -11.83 8.37
CA GLY B 100 -12.38 -12.07 9.80
C GLY B 100 -12.28 -10.85 10.69
N LEU B 101 -11.06 -10.31 10.78
CA LEU B 101 -10.73 -9.21 11.66
C LEU B 101 -11.38 -7.90 11.23
N GLU B 102 -11.36 -7.64 9.93
CA GLU B 102 -11.91 -6.41 9.39
C GLU B 102 -13.33 -6.21 9.94
N GLY B 103 -13.58 -5.03 10.52
CA GLY B 103 -14.91 -4.64 10.98
C GLY B 103 -15.37 -5.22 12.31
N LEU B 104 -14.47 -5.94 12.98
CA LEU B 104 -14.78 -6.57 14.25
C LEU B 104 -14.46 -5.60 15.36
N ILE B 105 -15.29 -5.58 16.41
CA ILE B 105 -15.11 -4.71 17.57
C ILE B 105 -13.88 -5.13 18.37
N TRP B 106 -13.09 -4.15 18.82
CA TRP B 106 -11.86 -4.39 19.58
C TRP B 106 -12.14 -5.03 20.93
N SER B 107 -11.16 -5.78 21.44
CA SER B 107 -11.15 -6.26 22.80
C SER B 107 -9.78 -6.82 23.15
N GLN B 108 -9.28 -6.46 24.34
CA GLN B 108 -7.99 -6.94 24.84
C GLN B 108 -7.87 -8.44 24.60
N ARG B 109 -8.92 -9.18 25.00
CA ARG B 109 -8.96 -10.63 24.88
C ARG B 109 -8.89 -11.12 23.43
N ARG B 110 -9.60 -10.44 22.53
CA ARG B 110 -9.54 -10.77 21.11
C ARG B 110 -8.13 -10.57 20.57
N GLN B 111 -7.58 -9.37 20.79
CA GLN B 111 -6.23 -9.04 20.37
C GLN B 111 -5.21 -10.05 20.87
N GLU B 112 -5.37 -10.49 22.12
CA GLU B 112 -4.51 -11.48 22.73
C GLU B 112 -4.66 -12.81 22.00
N ILE B 113 -5.89 -13.15 21.61
CA ILE B 113 -6.16 -14.36 20.81
C ILE B 113 -5.32 -14.34 19.54
N LEU B 114 -5.34 -13.22 18.80
CA LEU B 114 -4.53 -13.07 17.60
C LEU B 114 -3.05 -13.25 17.92
N ASP B 115 -2.54 -12.36 18.79
CA ASP B 115 -1.13 -12.32 19.18
C ASP B 115 -0.57 -13.69 19.60
N LEU B 116 -1.42 -14.50 20.23
CA LEU B 116 -1.09 -15.89 20.62
C LEU B 116 -0.85 -16.73 19.38
N TRP B 117 -1.90 -16.84 18.54
CA TRP B 117 -1.84 -17.65 17.34
C TRP B 117 -0.58 -17.33 16.60
N ILE B 118 -0.36 -16.05 16.35
CA ILE B 118 0.81 -15.55 15.65
C ILE B 118 2.12 -15.95 16.34
N TYR B 119 2.23 -15.64 17.64
CA TYR B 119 3.44 -15.94 18.41
C TYR B 119 3.80 -17.42 18.40
N HIS B 120 2.78 -18.28 18.57
CA HIS B 120 3.02 -19.72 18.64
C HIS B 120 3.32 -20.31 17.26
N THR B 121 2.44 -20.01 16.30
CA THR B 121 2.47 -20.56 14.95
C THR B 121 3.61 -20.00 14.11
N GLN B 122 3.83 -18.69 14.20
CA GLN B 122 4.78 -17.98 13.35
C GLN B 122 5.97 -17.32 14.06
N GLY B 123 6.05 -17.46 15.39
CA GLY B 123 7.23 -17.06 16.15
C GLY B 123 7.51 -15.58 16.37
N TYR B 124 6.53 -14.71 16.06
CA TYR B 124 6.68 -13.27 16.22
C TYR B 124 6.19 -12.82 17.60
N PHE B 125 7.09 -12.22 18.37
CA PHE B 125 6.80 -11.79 19.74
C PHE B 125 5.65 -10.78 19.73
N PRO B 126 4.69 -10.87 20.69
CA PRO B 126 3.49 -10.04 20.65
C PRO B 126 3.60 -8.61 21.22
N ASP B 127 4.74 -7.95 20.97
CA ASP B 127 4.94 -6.56 21.37
C ASP B 127 4.63 -5.58 20.24
N TRP B 128 4.18 -6.11 19.10
CA TRP B 128 4.12 -5.37 17.84
C TRP B 128 2.77 -4.70 17.59
N GLN B 129 1.69 -5.41 17.93
CA GLN B 129 0.34 -4.95 17.62
C GLN B 129 -0.15 -3.94 18.65
N ASN B 130 0.45 -2.74 18.60
CA ASN B 130 0.08 -1.61 19.47
C ASN B 130 -0.39 -0.44 18.63
N TYR B 131 -1.16 0.45 19.25
CA TYR B 131 -1.76 1.59 18.57
C TYR B 131 -1.63 2.85 19.43
N THR B 132 -1.73 4.02 18.79
CA THR B 132 -1.64 5.32 19.46
C THR B 132 -2.70 5.49 20.55
N PRO B 133 -2.50 6.40 21.53
CA PRO B 133 -3.37 6.50 22.70
C PRO B 133 -4.67 7.30 22.46
N GLY B 134 -5.29 7.75 23.55
CA GLY B 134 -6.59 8.41 23.64
C GLY B 134 -7.47 8.81 22.46
N PRO B 135 -7.79 10.12 22.32
CA PRO B 135 -8.99 10.61 21.63
C PRO B 135 -9.74 9.70 20.64
N GLY B 136 -9.55 9.86 19.32
CA GLY B 136 -10.36 9.22 18.30
C GLY B 136 -9.80 7.95 17.71
N ILE B 137 -9.38 8.01 16.43
CA ILE B 137 -8.88 6.85 15.70
C ILE B 137 -7.52 6.48 16.30
N ARG B 138 -7.27 5.19 16.47
CA ARG B 138 -5.97 4.73 16.99
C ARG B 138 -5.16 4.13 15.86
N TYR B 139 -3.98 4.73 15.60
CA TYR B 139 -3.12 4.32 14.49
C TYR B 139 -2.00 3.37 14.95
N PRO B 140 -1.57 2.41 14.10
CA PRO B 140 -0.66 1.35 14.53
C PRO B 140 0.79 1.82 14.66
N LEU B 141 1.51 1.24 15.64
CA LEU B 141 2.87 1.62 16.00
C LEU B 141 3.88 0.94 15.09
N THR B 142 3.62 -0.33 14.79
CA THR B 142 4.52 -1.13 13.98
C THR B 142 4.25 -0.83 12.51
N PHE B 143 5.26 -0.32 11.80
CA PHE B 143 5.11 0.05 10.38
C PHE B 143 4.78 -1.19 9.56
N GLY B 144 3.68 -1.14 8.81
CA GLY B 144 3.29 -2.24 7.95
C GLY B 144 2.26 -3.17 8.54
N TRP B 145 1.92 -2.94 9.82
CA TRP B 145 0.67 -3.42 10.36
C TRP B 145 -0.33 -2.37 9.88
N CYS B 146 -1.31 -2.79 9.08
CA CYS B 146 -2.14 -1.87 8.29
C CYS B 146 -3.59 -1.78 8.76
N PHE B 147 -3.81 -2.22 10.00
CA PHE B 147 -5.08 -2.06 10.66
C PHE B 147 -4.97 -0.93 11.67
N LYS B 148 -5.98 -0.05 11.63
CA LYS B 148 -6.19 0.98 12.64
C LYS B 148 -7.46 0.60 13.38
N LEU B 149 -7.72 1.27 14.51
CA LEU B 149 -8.93 1.10 15.30
C LEU B 149 -9.74 2.38 15.18
N VAL B 150 -10.98 2.22 14.71
CA VAL B 150 -11.87 3.32 14.36
C VAL B 150 -13.10 3.36 15.28
N PRO B 151 -13.37 4.49 15.97
CA PRO B 151 -14.61 4.62 16.73
C PRO B 151 -15.84 4.47 15.83
N VAL B 152 -16.99 4.21 16.43
CA VAL B 152 -18.26 4.13 15.73
C VAL B 152 -19.34 4.81 16.54
N VAL B 184 -15.18 1.31 22.45
CA VAL B 184 -15.76 2.21 21.47
C VAL B 184 -15.37 1.89 20.03
N LEU B 185 -14.41 0.97 19.82
CA LEU B 185 -13.60 0.87 18.59
C LEU B 185 -13.74 -0.42 17.77
N VAL B 186 -13.63 -0.29 16.45
CA VAL B 186 -13.63 -1.41 15.50
C VAL B 186 -12.40 -1.42 14.60
N TRP B 187 -11.81 -2.61 14.43
CA TRP B 187 -10.72 -2.85 13.48
C TRP B 187 -11.15 -2.38 12.11
N ARG B 188 -10.24 -1.66 11.43
CA ARG B 188 -10.48 -1.13 10.10
C ARG B 188 -9.17 -1.19 9.34
N PHE B 189 -9.21 -1.73 8.12
CA PHE B 189 -8.04 -1.85 7.27
C PHE B 189 -7.80 -0.52 6.56
N ASP B 190 -6.53 -0.23 6.28
CA ASP B 190 -6.16 0.98 5.59
C ASP B 190 -4.81 0.78 4.90
N SER B 191 -4.85 0.63 3.57
CA SER B 191 -3.63 0.36 2.81
C SER B 191 -2.65 1.52 2.91
N LYS B 192 -3.16 2.74 3.12
CA LYS B 192 -2.31 3.93 3.25
C LYS B 192 -1.31 3.78 4.39
N LEU B 193 -1.66 2.95 5.37
CA LEU B 193 -0.83 2.77 6.56
C LEU B 193 0.42 1.95 6.29
N ALA B 194 0.46 1.32 5.11
CA ALA B 194 1.65 0.64 4.61
C ALA B 194 2.67 1.62 4.02
N PHE B 195 2.19 2.83 3.69
CA PHE B 195 3.00 3.87 3.10
C PHE B 195 3.24 5.04 4.04
N HIS B 196 2.40 5.18 5.07
CA HIS B 196 2.54 6.24 6.04
C HIS B 196 2.53 5.70 7.46
N HIS B 197 3.48 6.18 8.27
CA HIS B 197 3.63 5.78 9.66
C HIS B 197 2.98 6.85 10.56
N MET B 198 1.64 6.94 10.48
CA MET B 198 0.86 7.98 11.16
C MET B 198 1.19 8.06 12.62
N ALA B 199 1.41 6.90 13.24
CA ALA B 199 1.91 6.78 14.60
C ALA B 199 3.12 7.70 14.84
N ARG B 200 4.16 7.55 14.00
CA ARG B 200 5.39 8.34 14.11
C ARG B 200 5.19 9.82 13.79
N GLU B 201 4.26 10.12 12.87
CA GLU B 201 3.94 11.48 12.49
C GLU B 201 3.31 12.25 13.66
N LEU B 202 2.45 11.56 14.42
CA LEU B 202 1.71 12.14 15.55
C LEU B 202 2.46 12.08 16.88
N HIS B 203 3.15 10.95 17.14
CA HIS B 203 3.89 10.73 18.38
C HIS B 203 5.34 10.33 18.12
N PRO B 204 6.15 11.17 17.45
CA PRO B 204 7.54 10.81 17.13
C PRO B 204 8.43 10.50 18.33
N GLU B 205 7.99 10.87 19.55
CA GLU B 205 8.72 10.58 20.80
C GLU B 205 8.91 9.08 21.09
N TYR B 206 8.05 8.24 20.49
CA TYR B 206 8.19 6.79 20.55
C TYR B 206 9.34 6.24 19.69
N TYR B 207 9.89 7.09 18.81
CA TYR B 207 11.02 6.72 17.94
C TYR B 207 12.11 7.79 17.97
N VAL C 4 24.23 -37.40 2.25
CA VAL C 4 22.90 -36.82 2.57
C VAL C 4 23.06 -35.64 3.56
N THR C 5 22.53 -34.47 3.18
CA THR C 5 22.32 -33.33 4.09
C THR C 5 20.84 -32.91 4.02
N LEU C 6 20.02 -33.88 3.63
CA LEU C 6 18.56 -33.74 3.53
C LEU C 6 17.93 -33.77 4.92
N PHE C 7 16.94 -32.89 5.12
CA PHE C 7 16.07 -32.94 6.28
C PHE C 7 14.63 -33.18 5.85
N VAL C 8 13.79 -33.61 6.81
CA VAL C 8 12.40 -33.99 6.54
C VAL C 8 11.40 -33.45 7.56
N ALA C 9 10.20 -33.10 7.07
CA ALA C 9 9.12 -32.59 7.89
C ALA C 9 8.60 -33.64 8.87
N LEU C 10 8.77 -33.34 10.17
CA LEU C 10 8.24 -34.14 11.26
C LEU C 10 6.74 -33.85 11.44
N TYR C 11 6.37 -32.58 11.22
CA TYR C 11 5.00 -32.10 11.30
C TYR C 11 4.63 -31.26 10.07
N ASP C 12 3.32 -30.98 9.93
CA ASP C 12 2.81 -29.99 8.99
C ASP C 12 3.23 -28.61 9.45
N TYR C 13 3.20 -27.65 8.53
CA TYR C 13 3.34 -26.23 8.83
C TYR C 13 2.68 -25.47 7.69
N GLU C 14 2.01 -24.37 8.00
CA GLU C 14 1.51 -23.49 6.97
C GLU C 14 1.88 -22.06 7.30
N ALA C 15 2.42 -21.35 6.31
CA ALA C 15 2.82 -19.97 6.46
C ALA C 15 1.67 -19.04 6.16
N ILE C 16 1.82 -17.80 6.64
CA ILE C 16 0.94 -16.69 6.32
C ILE C 16 1.73 -15.67 5.50
N THR C 17 3.03 -15.59 5.81
CA THR C 17 3.99 -14.78 5.09
C THR C 17 4.46 -15.49 3.81
N GLU C 18 4.61 -14.72 2.72
CA GLU C 18 4.93 -15.30 1.42
C GLU C 18 6.35 -15.86 1.35
N ASP C 19 7.20 -15.40 2.28
CA ASP C 19 8.61 -15.75 2.31
C ASP C 19 8.88 -16.98 3.16
N ASP C 20 7.84 -17.55 3.79
CA ASP C 20 8.00 -18.79 4.54
C ASP C 20 7.44 -19.95 3.71
N LEU C 21 7.89 -21.17 4.05
CA LEU C 21 7.58 -22.34 3.27
C LEU C 21 6.57 -23.25 3.94
N SER C 22 5.37 -23.31 3.37
CA SER C 22 4.34 -24.22 3.83
C SER C 22 4.69 -25.64 3.41
N PHE C 23 4.38 -26.62 4.27
CA PHE C 23 4.59 -28.04 3.99
C PHE C 23 3.77 -29.01 4.83
N HIS C 24 3.80 -30.29 4.41
CA HIS C 24 3.18 -31.40 5.12
C HIS C 24 4.23 -32.42 5.60
N LYS C 25 3.87 -33.23 6.60
CA LYS C 25 4.79 -34.25 7.18
C LYS C 25 5.30 -35.22 6.11
N GLY C 26 6.63 -35.41 6.07
CA GLY C 26 7.28 -36.26 5.08
C GLY C 26 7.91 -35.51 3.90
N GLU C 27 7.47 -34.27 3.68
CA GLU C 27 8.07 -33.37 2.68
C GLU C 27 9.56 -33.25 3.02
N LYS C 28 10.42 -33.48 2.02
CA LYS C 28 11.89 -33.43 2.19
C LYS C 28 12.45 -32.06 1.77
N PHE C 29 13.63 -31.72 2.28
CA PHE C 29 14.20 -30.38 2.11
C PHE C 29 15.70 -30.40 1.97
N GLN C 30 16.21 -29.59 1.03
CA GLN C 30 17.60 -29.20 1.01
C GLN C 30 17.70 -27.79 1.56
N ILE C 31 18.74 -27.57 2.36
CA ILE C 31 18.91 -26.38 3.20
C ILE C 31 19.77 -25.34 2.48
N LEU C 32 19.25 -24.12 2.36
CA LEU C 32 19.91 -23.05 1.63
C LEU C 32 20.63 -22.03 2.51
N ASN C 33 20.20 -21.93 3.78
CA ASN C 33 20.74 -20.95 4.71
C ASN C 33 20.51 -21.35 6.18
N SER C 34 21.57 -21.88 6.79
CA SER C 34 21.66 -22.15 8.23
C SER C 34 22.19 -20.96 9.07
N SER C 35 22.56 -19.86 8.40
CA SER C 35 23.13 -18.70 9.06
C SER C 35 22.10 -17.94 9.89
N GLU C 36 22.63 -17.12 10.81
CA GLU C 36 21.89 -16.31 11.79
C GLU C 36 20.35 -16.36 11.69
N GLY C 37 19.77 -17.31 12.43
CA GLY C 37 18.34 -17.43 12.62
C GLY C 37 17.90 -18.88 12.53
N ASP C 38 17.34 -19.41 13.64
CA ASP C 38 16.73 -20.75 13.68
C ASP C 38 15.66 -20.95 12.58
N TRP C 39 15.20 -19.84 12.00
CA TRP C 39 14.47 -19.87 10.73
C TRP C 39 15.47 -20.03 9.59
N TRP C 40 15.59 -21.26 9.08
CA TRP C 40 16.49 -21.58 7.96
C TRP C 40 15.80 -21.35 6.63
N GLU C 41 16.59 -21.03 5.59
CA GLU C 41 16.07 -21.00 4.21
C GLU C 41 16.14 -22.43 3.67
N ALA C 42 15.07 -22.89 3.00
CA ALA C 42 15.02 -24.25 2.47
C ALA C 42 14.29 -24.34 1.13
N ARG C 43 14.54 -25.45 0.42
CA ARG C 43 13.83 -25.79 -0.81
C ARG C 43 13.18 -27.16 -0.62
N SER C 44 11.90 -27.26 -0.99
CA SER C 44 11.19 -28.52 -0.89
C SER C 44 11.52 -29.41 -2.06
N LEU C 45 11.83 -30.67 -1.77
CA LEU C 45 12.07 -31.69 -2.78
C LEU C 45 10.76 -32.22 -3.34
N THR C 46 9.66 -31.85 -2.68
CA THR C 46 8.34 -32.41 -2.99
C THR C 46 7.53 -31.44 -3.85
N THR C 47 7.58 -30.15 -3.50
CA THR C 47 6.88 -29.10 -4.25
C THR C 47 7.88 -28.28 -5.10
N GLY C 48 9.03 -27.93 -4.51
CA GLY C 48 10.02 -27.14 -5.20
C GLY C 48 10.05 -25.69 -4.81
N GLU C 49 9.24 -25.27 -3.84
CA GLU C 49 9.24 -23.88 -3.39
C GLU C 49 10.43 -23.64 -2.43
N THR C 50 10.82 -22.36 -2.37
CA THR C 50 11.90 -21.87 -1.53
C THR C 50 11.41 -20.80 -0.58
N GLY C 51 11.79 -20.96 0.69
CA GLY C 51 11.36 -20.05 1.74
C GLY C 51 11.88 -20.48 3.10
N TYR C 52 11.67 -19.62 4.10
CA TYR C 52 12.13 -19.85 5.45
C TYR C 52 11.22 -20.83 6.15
N ILE C 53 11.83 -21.72 6.94
CA ILE C 53 11.11 -22.65 7.78
C ILE C 53 11.67 -22.66 9.21
N PRO C 54 10.85 -23.07 10.20
CA PRO C 54 11.35 -23.31 11.56
C PRO C 54 12.19 -24.59 11.62
N SER C 55 13.46 -24.42 12.03
CA SER C 55 14.45 -25.50 12.01
C SER C 55 14.02 -26.74 12.79
N ASN C 56 13.32 -26.53 13.90
CA ASN C 56 12.91 -27.63 14.79
C ASN C 56 11.76 -28.50 14.25
N TYR C 57 11.23 -28.15 13.08
CA TYR C 57 10.18 -28.93 12.44
C TYR C 57 10.73 -30.09 11.60
N VAL C 58 12.03 -30.01 11.27
CA VAL C 58 12.70 -30.97 10.39
C VAL C 58 13.83 -31.74 11.08
N ALA C 59 14.03 -32.98 10.61
CA ALA C 59 15.04 -33.89 11.14
C ALA C 59 15.90 -34.45 10.01
N PRO C 60 17.15 -34.87 10.32
CA PRO C 60 18.01 -35.52 9.33
C PRO C 60 17.39 -36.81 8.78
N VAL C 61 17.68 -37.12 7.51
CA VAL C 61 17.19 -38.35 6.87
C VAL C 61 17.91 -39.63 7.38
N ASP C 62 17.82 -39.85 8.70
CA ASP C 62 18.44 -40.98 9.41
C ASP C 62 18.45 -40.73 10.92
N VAL D 4 13.54 37.22 -2.67
CA VAL D 4 13.67 38.45 -3.51
C VAL D 4 12.71 38.43 -4.74
N THR D 5 12.08 37.28 -5.00
CA THR D 5 11.14 37.08 -6.12
C THR D 5 9.87 36.35 -5.64
N LEU D 6 8.73 37.06 -5.61
CA LEU D 6 7.45 36.59 -5.08
C LEU D 6 6.38 36.49 -6.18
N PHE D 7 5.60 35.40 -6.15
CA PHE D 7 4.54 35.16 -7.13
C PHE D 7 3.19 35.00 -6.42
N VAL D 8 2.10 35.13 -7.18
CA VAL D 8 0.73 35.07 -6.62
C VAL D 8 -0.26 34.25 -7.46
N ALA D 9 -1.19 33.57 -6.76
CA ALA D 9 -2.22 32.75 -7.38
C ALA D 9 -3.18 33.60 -8.20
N LEU D 10 -3.19 33.36 -9.51
CA LEU D 10 -4.13 33.98 -10.44
C LEU D 10 -5.48 33.26 -10.37
N TYR D 11 -5.42 31.94 -10.15
CA TYR D 11 -6.59 31.07 -10.02
C TYR D 11 -6.47 30.17 -8.80
N ASP D 12 -7.59 29.53 -8.44
CA ASP D 12 -7.64 28.46 -7.45
C ASP D 12 -6.92 27.23 -8.01
N TYR D 13 -6.47 26.35 -7.12
CA TYR D 13 -6.03 25.02 -7.49
C TYR D 13 -6.21 24.11 -6.28
N GLU D 14 -6.65 22.87 -6.49
CA GLU D 14 -6.80 21.92 -5.40
C GLU D 14 -6.12 20.62 -5.81
N ALA D 15 -5.27 20.08 -4.93
CA ALA D 15 -4.44 18.92 -5.24
C ALA D 15 -5.12 17.65 -4.87
N ILE D 16 -4.60 16.54 -5.41
CA ILE D 16 -5.06 15.18 -5.10
C ILE D 16 -3.90 14.43 -4.43
N THR D 17 -2.68 14.71 -4.91
CA THR D 17 -1.45 14.17 -4.36
C THR D 17 -0.99 14.99 -3.14
N GLU D 18 -0.46 14.32 -2.11
CA GLU D 18 -0.06 14.98 -0.86
C GLU D 18 1.10 15.97 -1.05
N ASP D 19 1.85 15.76 -2.14
CA ASP D 19 3.05 16.54 -2.42
C ASP D 19 2.78 17.81 -3.20
N ASP D 20 1.52 18.02 -3.61
CA ASP D 20 1.14 19.25 -4.29
C ASP D 20 0.43 20.18 -3.33
N LEU D 21 0.45 21.47 -3.66
CA LEU D 21 -0.01 22.53 -2.78
C LEU D 21 -1.32 23.12 -3.26
N SER D 22 -2.40 22.85 -2.52
CA SER D 22 -3.70 23.44 -2.77
C SER D 22 -3.67 24.91 -2.38
N PHE D 23 -4.38 25.74 -3.14
CA PHE D 23 -4.52 27.17 -2.86
C PHE D 23 -5.73 27.85 -3.51
N HIS D 24 -5.99 29.08 -3.07
CA HIS D 24 -7.01 29.97 -3.65
C HIS D 24 -6.38 31.24 -4.27
N LYS D 25 -7.12 31.90 -5.16
CA LYS D 25 -6.65 33.12 -5.84
C LYS D 25 -6.24 34.21 -4.83
N GLY D 26 -5.03 34.76 -5.03
CA GLY D 26 -4.48 35.77 -4.15
C GLY D 26 -3.46 35.25 -3.15
N GLU D 27 -3.49 33.93 -2.88
CA GLU D 27 -2.48 33.27 -2.05
C GLU D 27 -1.12 33.56 -2.67
N LYS D 28 -0.16 34.06 -1.87
CA LYS D 28 1.17 34.45 -2.34
C LYS D 28 2.19 33.34 -2.08
N PHE D 29 3.30 33.37 -2.81
CA PHE D 29 4.27 32.27 -2.81
C PHE D 29 5.70 32.72 -2.92
N GLN D 30 6.55 32.10 -2.10
CA GLN D 30 8.01 32.12 -2.27
C GLN D 30 8.38 30.79 -2.93
N ILE D 31 9.31 30.85 -3.90
CA ILE D 31 9.65 29.71 -4.74
C ILE D 31 10.87 28.96 -4.18
N LEU D 32 10.73 27.65 -3.97
CA LEU D 32 11.77 26.82 -3.38
C LEU D 32 12.58 25.99 -4.38
N ASN D 33 11.98 25.70 -5.55
CA ASN D 33 12.57 24.80 -6.53
C ASN D 33 12.04 25.02 -7.95
N SER D 34 12.84 25.76 -8.74
CA SER D 34 12.69 25.94 -10.18
C SER D 34 13.77 25.05 -10.80
N SER D 35 13.66 23.73 -10.58
CA SER D 35 14.63 22.75 -11.09
C SER D 35 14.56 22.66 -12.61
N GLU D 36 13.39 22.27 -13.11
CA GLU D 36 13.03 22.34 -14.53
C GLU D 36 11.53 22.11 -14.63
N GLY D 37 11.08 20.93 -14.19
CA GLY D 37 9.68 20.59 -14.12
C GLY D 37 8.87 21.84 -13.87
N ASP D 38 7.96 22.17 -14.81
CA ASP D 38 7.06 23.31 -14.71
C ASP D 38 6.23 23.30 -13.42
N TRP D 39 6.19 22.13 -12.75
CA TRP D 39 5.71 22.03 -11.38
C TRP D 39 6.86 22.43 -10.46
N TRP D 40 6.80 23.67 -9.94
CA TRP D 40 7.81 24.22 -9.02
C TRP D 40 7.46 23.88 -7.59
N GLU D 41 8.47 23.82 -6.71
CA GLU D 41 8.22 23.73 -5.26
C GLU D 41 8.00 25.15 -4.72
N ALA D 42 6.97 25.33 -3.90
CA ALA D 42 6.62 26.65 -3.37
C ALA D 42 6.09 26.61 -1.94
N ARG D 43 6.17 27.78 -1.27
CA ARG D 43 5.66 27.98 0.09
C ARG D 43 4.61 29.06 0.06
N SER D 44 3.45 28.74 0.68
CA SER D 44 2.33 29.68 0.75
C SER D 44 2.58 30.69 1.83
N LEU D 45 2.33 31.96 1.51
CA LEU D 45 2.41 33.04 2.50
C LEU D 45 1.11 33.18 3.28
N THR D 46 0.14 32.32 2.98
CA THR D 46 -1.15 32.32 3.66
C THR D 46 -1.19 31.22 4.72
N THR D 47 -0.70 30.03 4.37
CA THR D 47 -0.66 28.88 5.27
C THR D 47 0.72 28.61 5.85
N GLY D 48 1.76 28.77 5.02
CA GLY D 48 3.13 28.43 5.38
C GLY D 48 3.59 27.08 4.85
N GLU D 49 2.68 26.37 4.17
CA GLU D 49 2.91 25.00 3.72
C GLU D 49 3.68 24.99 2.42
N THR D 50 4.41 23.88 2.20
CA THR D 50 5.34 23.69 1.11
C THR D 50 5.02 22.46 0.28
N GLY D 51 5.04 22.64 -1.04
CA GLY D 51 4.68 21.57 -1.98
C GLY D 51 4.66 22.09 -3.42
N TYR D 52 4.47 21.18 -4.37
CA TYR D 52 4.62 21.47 -5.78
C TYR D 52 3.36 22.11 -6.30
N ILE D 53 3.53 23.12 -7.16
CA ILE D 53 2.44 23.83 -7.79
C ILE D 53 2.70 24.01 -9.28
N PRO D 54 1.63 24.17 -10.09
CA PRO D 54 1.78 24.49 -11.51
C PRO D 54 2.21 25.94 -11.74
N SER D 55 3.38 26.10 -12.38
CA SER D 55 4.04 27.39 -12.55
C SER D 55 3.15 28.44 -13.21
N ASN D 56 2.34 28.02 -14.17
CA ASN D 56 1.51 28.94 -14.95
C ASN D 56 0.27 29.46 -14.22
N TYR D 57 0.05 29.01 -12.98
CA TYR D 57 -1.05 29.48 -12.15
C TYR D 57 -0.70 30.76 -11.38
N VAL D 58 0.60 31.04 -11.31
CA VAL D 58 1.13 32.17 -10.54
C VAL D 58 1.84 33.20 -11.41
N ALA D 59 1.77 34.47 -10.96
CA ALA D 59 2.37 35.60 -11.68
C ALA D 59 3.24 36.42 -10.72
N PRO D 60 4.25 37.15 -11.26
CA PRO D 60 5.07 38.05 -10.43
C PRO D 60 4.22 39.13 -9.77
N VAL D 61 4.62 39.54 -8.56
CA VAL D 61 3.92 40.60 -7.83
C VAL D 61 4.36 41.97 -8.38
N ASP D 62 4.93 41.97 -9.59
CA ASP D 62 5.37 43.18 -10.30
C ASP D 62 4.62 43.48 -11.63
N SER D 63 3.86 42.50 -12.14
CA SER D 63 3.23 42.57 -13.48
C SER D 63 1.72 42.90 -13.50
N ILE D 64 0.86 41.90 -13.26
CA ILE D 64 -0.60 42.10 -13.16
C ILE D 64 -1.16 41.48 -11.88
#